data_7T8W
#
_entry.id   7T8W
#
_cell.length_a   139.391
_cell.length_b   139.391
_cell.length_c   98.045
_cell.angle_alpha   90.000
_cell.angle_beta   90.000
_cell.angle_gamma   120.000
#
_symmetry.space_group_name_H-M   'P 31 2 1'
#
loop_
_entity.id
_entity.type
_entity.pdbx_description
1 polymer '3G12 Fab Light chain'
2 polymer '3G12 Fab Heavy chain'
3 polymer 'Mature secreted glycoprotein G'
#
loop_
_entity_poly.entity_id
_entity_poly.type
_entity_poly.pdbx_seq_one_letter_code
_entity_poly.pdbx_strand_id
1 'polypeptide(L)'
;EIVMTQSPATLSVSPGERATLSCRASQSVNSNLAWYQHKPGQAPRLLIYGASTRATGIPARFSGSGSGTDFTLTISSLQS
EDFAVYYCQQYNNWPLFGPGTKVDLKRTVAAPSVFIFPPSDEQLKSGTASVVCLLNNFYPREAKVQWKVDNALQSGNSQE
SVTEQDSKDSTYSLSSTLTLSKADYEKHKVYACEVTHQGLSSPVTKSFNRGEC
;
L
2 'polypeptide(L)'
;QLQLQESGPGLVKPSETLSLTCTVSGGSISSSNYYWGWIRQPPGKGLEWIASIHDSGSIYYNPSLRSRVTISVDTSKNQF
SLKLSSVTAADTAVYYCARHLVWFGELRNNWFDPWGQGTLVTVASASTKGPSVFPLAPSSKSTSGGTAALGCLVKDYFPE
PVTVSWNSGALTSGVHTFPAVLQSSGLYSLSSVVTVPSSSLGTQTYICNVNHKPSNTKVDKKVEPKSCDKTH
;
H
3 'polypeptide(L)' MGSKPNNDFHFEVFNFVPCSICQNNPTCWAICKRIPNKKPGKKHHHHHH D
#
# COMPACT_ATOMS: atom_id res chain seq x y z
N GLU A 1 -21.99 17.80 -11.02
CA GLU A 1 -20.87 16.88 -10.70
C GLU A 1 -19.96 17.53 -9.65
N ILE A 2 -19.72 16.85 -8.53
CA ILE A 2 -18.89 17.44 -7.43
C ILE A 2 -17.46 17.02 -7.61
N VAL A 3 -16.56 17.94 -7.29
CA VAL A 3 -15.11 17.64 -7.44
C VAL A 3 -14.38 17.94 -6.13
N MET A 4 -13.72 16.94 -5.58
CA MET A 4 -12.99 17.12 -4.31
C MET A 4 -11.51 17.36 -4.62
N THR A 5 -11.00 18.51 -4.21
CA THR A 5 -9.56 18.81 -4.38
C THR A 5 -8.93 18.93 -3.00
N GLN A 6 -7.66 18.53 -2.84
CA GLN A 6 -6.93 18.67 -1.58
C GLN A 6 -5.58 19.33 -1.83
N SER A 7 -5.12 20.07 -0.83
CA SER A 7 -3.88 20.81 -0.91
C SER A 7 -3.29 20.96 0.48
N PRO A 8 -1.97 20.78 0.62
CA PRO A 8 -1.09 20.50 -0.51
C PRO A 8 -1.03 19.01 -0.79
N ALA A 9 -0.62 18.63 -2.00
CA ALA A 9 -0.52 17.22 -2.34
C ALA A 9 0.31 16.47 -1.32
N THR A 10 1.36 17.12 -0.83
CA THR A 10 2.27 16.51 0.11
C THR A 10 2.74 17.59 1.08
N LEU A 11 3.17 17.16 2.26
CA LEU A 11 3.44 18.09 3.34
C LEU A 11 4.47 17.46 4.29
N SER A 12 5.61 18.14 4.49
CA SER A 12 6.63 17.72 5.45
C SER A 12 6.44 18.50 6.75
N VAL A 13 6.47 17.80 7.90
CA VAL A 13 6.08 18.39 9.16
C VAL A 13 7.01 17.90 10.27
N SER A 14 7.56 18.84 11.04
CA SER A 14 8.45 18.52 12.15
C SER A 14 7.71 17.66 13.18
N PRO A 15 8.37 16.76 13.86
CA PRO A 15 7.65 15.96 14.83
C PRO A 15 7.22 16.85 15.95
N GLY A 16 5.91 17.10 16.09
CA GLY A 16 5.38 17.93 17.19
C GLY A 16 4.58 19.15 16.73
N GLU A 17 4.85 19.67 15.54
CA GLU A 17 4.12 20.88 15.16
C GLU A 17 2.72 20.48 14.71
N ARG A 18 1.95 21.45 14.23
CA ARG A 18 0.56 21.13 13.83
C ARG A 18 0.45 21.15 12.32
N ALA A 19 0.07 20.00 11.75
CA ALA A 19 -0.14 19.90 10.30
C ALA A 19 -1.59 20.30 10.04
N THR A 20 -1.81 21.33 9.23
CA THR A 20 -3.16 21.66 8.81
C THR A 20 -3.35 21.28 7.35
N LEU A 21 -4.42 20.54 7.07
CA LEU A 21 -4.68 20.00 5.73
C LEU A 21 -5.99 20.53 5.19
N SER A 22 -6.08 20.66 3.86
CA SER A 22 -7.25 21.26 3.23
C SER A 22 -7.95 20.40 2.19
N CYS A 23 -9.29 20.42 2.23
CA CYS A 23 -10.15 19.75 1.20
C CYS A 23 -11.04 20.82 0.57
N ARG A 24 -11.32 20.79 -0.73
CA ARG A 24 -12.21 21.78 -1.37
C ARG A 24 -13.27 21.17 -2.31
N ALA A 25 -14.50 21.69 -2.33
CA ALA A 25 -15.52 21.08 -3.23
C ALA A 25 -15.83 22.06 -4.36
N SER A 26 -16.22 21.57 -5.55
CA SER A 26 -16.62 22.50 -6.63
C SER A 26 -17.91 23.20 -6.18
N GLN A 27 -19.01 22.46 -6.11
CA GLN A 27 -20.30 22.96 -5.54
C GLN A 27 -20.28 22.75 -3.99
N SER A 28 -21.33 23.16 -3.28
CA SER A 28 -21.32 23.09 -1.79
C SER A 28 -21.70 21.70 -1.28
N VAL A 29 -21.16 21.29 -0.15
CA VAL A 29 -21.48 19.95 0.40
C VAL A 29 -21.96 20.15 1.85
N ASN A 30 -22.32 21.38 2.20
CA ASN A 30 -22.83 21.56 3.56
C ASN A 30 -21.77 20.96 4.46
N SER A 31 -22.19 20.05 5.30
CA SER A 31 -21.21 19.49 6.23
C SER A 31 -21.15 17.99 6.03
N ASN A 32 -21.59 17.56 4.86
CA ASN A 32 -21.54 16.12 4.51
C ASN A 32 -20.11 15.85 4.07
N LEU A 33 -19.20 15.83 5.04
CA LEU A 33 -17.79 15.57 4.70
C LEU A 33 -17.09 14.75 5.79
N ALA A 34 -16.45 13.67 5.37
CA ALA A 34 -15.63 12.86 6.31
C ALA A 34 -14.13 12.91 5.98
N TRP A 35 -13.24 12.51 6.98
CA TRP A 35 -11.81 12.40 6.73
C TRP A 35 -11.35 11.01 7.10
N TYR A 36 -10.51 10.40 6.25
CA TYR A 36 -9.89 9.10 6.54
C TYR A 36 -8.37 9.21 6.64
N GLN A 37 -7.80 8.37 7.50
CA GLN A 37 -6.36 8.18 7.61
C GLN A 37 -5.99 6.83 7.00
N HIS A 38 -4.97 6.80 6.15
CA HIS A 38 -4.52 5.54 5.52
C HIS A 38 -3.01 5.32 5.61
N LYS A 39 -2.54 4.76 6.73
CA LYS A 39 -1.16 4.30 6.78
C LYS A 39 -0.89 3.23 5.75
N PRO A 40 0.32 3.21 5.15
CA PRO A 40 0.60 2.27 4.05
C PRO A 40 0.59 0.82 4.49
N GLY A 41 -0.04 -0.02 3.67
CA GLY A 41 -0.21 -1.44 3.94
C GLY A 41 -1.20 -1.85 5.01
N GLN A 42 -1.84 -0.87 5.64
CA GLN A 42 -2.79 -1.04 6.71
C GLN A 42 -4.13 -0.60 6.10
N ALA A 43 -5.29 -0.79 6.91
CA ALA A 43 -6.60 -0.42 6.39
C ALA A 43 -6.91 1.04 6.69
N PRO A 44 -7.63 1.71 5.79
CA PRO A 44 -8.10 3.07 6.07
C PRO A 44 -8.86 3.14 7.38
N ARG A 45 -8.82 4.30 7.98
CA ARG A 45 -9.44 4.51 9.24
C ARG A 45 -10.21 5.80 9.26
N LEU A 46 -11.48 5.73 9.68
CA LEU A 46 -12.32 6.96 9.72
C LEU A 46 -11.87 7.85 10.88
N LEU A 47 -11.40 9.06 10.59
CA LEU A 47 -11.03 10.01 11.66
C LEU A 47 -12.23 10.84 12.04
N ILE A 48 -12.70 11.63 11.07
CA ILE A 48 -13.77 12.62 11.37
C ILE A 48 -14.93 12.47 10.39
N TYR A 49 -16.15 12.59 10.88
CA TYR A 49 -17.37 12.61 10.03
C TYR A 49 -18.16 13.74 10.64
N GLY A 50 -19.04 14.34 9.83
CA GLY A 50 -19.82 15.51 10.18
C GLY A 50 -19.04 16.77 9.84
N ALA A 51 -17.75 16.63 9.57
CA ALA A 51 -16.93 17.78 9.19
C ALA A 51 -16.50 18.54 10.45
N SER A 52 -16.93 18.04 11.59
CA SER A 52 -16.46 18.49 12.90
C SER A 52 -16.40 17.36 13.92
N THR A 53 -16.91 16.19 13.57
CA THR A 53 -17.11 15.13 14.61
C THR A 53 -16.09 14.01 14.62
N ARG A 54 -15.36 13.89 15.72
CA ARG A 54 -14.38 12.84 15.81
C ARG A 54 -15.12 11.54 15.94
N ALA A 55 -14.69 10.55 15.19
CA ALA A 55 -15.21 9.18 15.36
C ALA A 55 -14.68 8.60 16.66
N THR A 56 -15.37 7.60 17.21
CA THR A 56 -14.97 7.01 18.50
C THR A 56 -13.58 6.37 18.40
N GLY A 57 -12.74 6.63 19.38
CA GLY A 57 -11.40 6.01 19.40
C GLY A 57 -10.37 6.89 18.73
N ILE A 58 -10.70 8.14 18.40
CA ILE A 58 -9.71 8.98 17.67
C ILE A 58 -9.18 10.04 18.63
N PRO A 59 -7.85 10.21 18.75
CA PRO A 59 -7.26 11.20 19.66
C PRO A 59 -7.78 12.63 19.48
N ALA A 60 -7.73 13.47 20.51
CA ALA A 60 -8.31 14.83 20.37
C ALA A 60 -7.40 15.72 19.52
N ARG A 61 -6.23 15.21 19.13
CA ARG A 61 -5.27 16.06 18.40
C ARG A 61 -5.73 16.16 16.93
N PHE A 62 -6.68 15.33 16.54
CA PHE A 62 -7.26 15.41 15.21
C PHE A 62 -8.53 16.20 15.30
N SER A 63 -8.68 17.22 14.48
CA SER A 63 -9.96 17.97 14.47
C SER A 63 -10.34 18.42 13.06
N GLY A 64 -11.65 18.41 12.79
CA GLY A 64 -12.11 18.84 11.46
C GLY A 64 -12.84 20.14 11.59
N SER A 65 -12.69 21.05 10.63
CA SER A 65 -13.49 22.32 10.65
C SER A 65 -13.86 22.68 9.22
N GLY A 66 -14.85 23.56 9.06
CA GLY A 66 -15.21 24.04 7.71
C GLY A 66 -16.64 23.76 7.31
N SER A 67 -17.00 24.20 6.13
CA SER A 67 -18.34 23.93 5.63
C SER A 67 -18.46 24.29 4.16
N GLY A 68 -19.65 24.01 3.63
CA GLY A 68 -19.86 24.27 2.20
C GLY A 68 -18.63 23.82 1.45
N THR A 69 -18.00 24.73 0.75
CA THR A 69 -16.81 24.38 -0.09
C THR A 69 -15.43 24.23 0.60
N ASP A 70 -15.21 24.71 1.84
CA ASP A 70 -13.84 24.70 2.43
C ASP A 70 -13.72 23.96 3.78
N PHE A 71 -12.93 22.91 3.77
CA PHE A 71 -12.75 22.17 5.02
C PHE A 71 -11.28 22.08 5.30
N THR A 72 -10.98 21.91 6.56
CA THR A 72 -9.57 21.83 6.95
C THR A 72 -9.50 20.74 8.00
N LEU A 73 -8.59 19.78 7.84
CA LEU A 73 -8.32 18.78 8.90
C LEU A 73 -7.04 19.26 9.57
N THR A 74 -6.95 19.26 10.88
CA THR A 74 -5.64 19.73 11.43
C THR A 74 -5.17 18.67 12.46
N ILE A 75 -3.88 18.36 12.45
CA ILE A 75 -3.29 17.40 13.42
C ILE A 75 -2.36 18.18 14.31
N SER A 76 -2.84 18.54 15.50
CA SER A 76 -1.94 19.23 16.44
C SER A 76 -0.95 18.22 17.04
N SER A 77 0.22 18.73 17.43
CA SER A 77 1.29 17.90 18.05
C SER A 77 1.51 16.64 17.22
N LEU A 78 2.00 16.79 15.97
CA LEU A 78 2.15 15.63 15.10
C LEU A 78 3.17 14.58 15.59
N GLN A 79 2.80 13.28 15.64
CA GLN A 79 3.71 12.21 16.03
C GLN A 79 4.33 11.61 14.77
N SER A 80 5.42 10.87 14.97
CA SER A 80 5.98 10.12 13.83
C SER A 80 5.02 9.01 13.38
N GLU A 81 4.24 8.47 14.31
CA GLU A 81 3.27 7.43 14.00
C GLU A 81 2.29 7.85 12.90
N ASP A 82 1.98 9.14 12.89
CA ASP A 82 0.98 9.69 12.01
C ASP A 82 1.27 9.78 10.56
N PHE A 83 2.41 9.26 10.14
CA PHE A 83 2.79 9.37 8.71
C PHE A 83 1.78 8.59 7.87
N ALA A 84 1.09 9.31 7.00
CA ALA A 84 0.19 8.60 6.09
C ALA A 84 -0.46 9.49 5.05
N VAL A 85 -1.39 8.91 4.29
CA VAL A 85 -2.15 9.70 3.28
C VAL A 85 -3.55 9.94 3.86
N TYR A 86 -4.05 11.17 3.73
CA TYR A 86 -5.37 11.53 4.29
C TYR A 86 -6.35 11.89 3.20
N TYR A 87 -7.47 11.18 3.14
CA TYR A 87 -8.43 11.48 2.06
C TYR A 87 -9.67 12.16 2.65
N CYS A 88 -10.20 13.17 1.97
CA CYS A 88 -11.52 13.61 2.43
C CYS A 88 -12.53 12.89 1.55
N GLN A 89 -13.77 12.90 2.00
CA GLN A 89 -14.86 12.25 1.26
C GLN A 89 -16.11 13.01 1.63
N GLN A 90 -16.73 13.53 0.54
CA GLN A 90 -18.02 14.28 0.61
C GLN A 90 -19.15 13.27 0.49
N TYR A 91 -20.26 13.52 1.11
CA TYR A 91 -21.39 12.55 0.91
C TYR A 91 -22.70 13.28 0.73
N ASN A 92 -22.62 14.45 0.12
CA ASN A 92 -23.84 15.25 -0.13
C ASN A 92 -24.81 14.53 -1.07
N ASN A 93 -24.29 13.80 -2.05
CA ASN A 93 -25.19 13.02 -2.93
C ASN A 93 -24.80 11.55 -2.84
N TRP A 94 -23.51 11.25 -2.89
CA TRP A 94 -23.04 9.85 -2.76
C TRP A 94 -21.54 9.92 -2.52
N PRO A 95 -20.89 8.84 -2.09
CA PRO A 95 -19.47 8.91 -1.73
C PRO A 95 -18.47 9.40 -2.79
N LEU A 96 -17.80 10.53 -2.57
CA LEU A 96 -16.75 10.97 -3.51
C LEU A 96 -15.54 11.37 -2.69
N PHE A 97 -14.38 10.85 -3.05
CA PHE A 97 -13.18 11.09 -2.25
C PHE A 97 -12.28 12.09 -2.93
N GLY A 98 -11.49 12.78 -2.11
CA GLY A 98 -10.51 13.72 -2.66
C GLY A 98 -9.26 12.96 -3.05
N PRO A 99 -8.34 13.61 -3.79
CA PRO A 99 -7.15 12.93 -4.27
C PRO A 99 -6.21 12.50 -3.13
N GLY A 100 -6.25 13.18 -1.98
CA GLY A 100 -5.43 12.79 -0.81
C GLY A 100 -4.21 13.65 -0.61
N THR A 101 -3.73 13.76 0.63
CA THR A 101 -2.45 14.39 0.91
C THR A 101 -1.55 13.47 1.73
N LYS A 102 -0.31 13.35 1.27
CA LYS A 102 0.74 12.56 1.91
C LYS A 102 1.35 13.42 2.99
N VAL A 103 1.34 12.96 4.22
CA VAL A 103 1.98 13.68 5.33
C VAL A 103 3.31 13.00 5.65
N ASP A 104 4.43 13.66 5.34
CA ASP A 104 5.78 13.19 5.64
C ASP A 104 6.27 13.82 6.93
N LEU A 105 7.19 13.13 7.58
CA LEU A 105 7.84 13.69 8.76
C LEU A 105 9.21 14.24 8.42
N LYS A 106 9.57 15.28 9.15
CA LYS A 106 10.91 15.80 9.13
C LYS A 106 11.69 15.25 10.33
N ARG A 107 13.00 15.19 10.15
CA ARG A 107 13.90 14.82 11.22
C ARG A 107 15.26 15.35 10.80
N THR A 108 16.19 15.21 11.68
CA THR A 108 17.52 15.61 11.47
C THR A 108 18.12 14.78 10.33
N VAL A 109 19.08 15.28 9.57
CA VAL A 109 19.69 14.48 8.54
C VAL A 109 20.37 13.28 9.16
N ALA A 110 20.34 12.16 8.43
CA ALA A 110 20.93 10.90 8.89
C ALA A 110 21.60 10.26 7.70
N ALA A 111 22.92 10.04 7.77
CA ALA A 111 23.63 9.44 6.66
C ALA A 111 23.26 7.97 6.53
N PRO A 112 23.29 7.43 5.31
CA PRO A 112 22.97 6.01 5.13
C PRO A 112 24.16 5.14 5.48
N SER A 113 23.86 3.93 5.91
CA SER A 113 24.84 2.86 5.89
C SER A 113 24.74 2.17 4.54
N VAL A 114 25.89 1.89 3.95
CA VAL A 114 25.97 1.32 2.63
C VAL A 114 26.51 -0.08 2.70
N PHE A 115 25.77 -1.00 2.16
CA PHE A 115 26.18 -2.40 2.05
C PHE A 115 26.08 -2.81 0.60
N ILE A 116 26.92 -3.76 0.19
CA ILE A 116 26.93 -4.25 -1.19
C ILE A 116 26.89 -5.76 -1.17
N PHE A 117 26.19 -6.37 -2.13
CA PHE A 117 26.05 -7.83 -2.16
C PHE A 117 26.45 -8.33 -3.55
N PRO A 118 27.40 -9.27 -3.67
CA PRO A 118 27.71 -9.84 -5.00
C PRO A 118 26.59 -10.79 -5.48
N PRO A 119 26.47 -11.24 -6.75
CA PRO A 119 25.35 -12.10 -7.10
C PRO A 119 25.45 -13.52 -6.52
N SER A 120 24.30 -14.15 -6.24
CA SER A 120 24.36 -15.56 -5.82
C SER A 120 24.93 -16.43 -6.94
N ASP A 121 25.67 -17.43 -6.47
CA ASP A 121 26.21 -18.43 -7.39
C ASP A 121 25.03 -19.17 -8.00
N GLU A 122 23.94 -19.32 -7.25
CA GLU A 122 22.73 -20.01 -7.76
C GLU A 122 22.20 -19.22 -8.96
N GLN A 123 22.24 -17.90 -8.89
CA GLN A 123 21.73 -17.05 -9.98
C GLN A 123 22.66 -17.08 -11.18
N LEU A 124 23.96 -17.23 -10.93
CA LEU A 124 24.90 -17.23 -12.08
C LEU A 124 24.67 -18.50 -12.88
N LYS A 125 24.11 -19.55 -12.27
CA LYS A 125 23.82 -20.72 -13.12
C LYS A 125 22.94 -20.15 -14.27
N SER A 126 21.97 -19.34 -13.93
CA SER A 126 20.92 -19.00 -14.90
C SER A 126 21.28 -18.07 -16.08
N GLY A 127 22.39 -17.32 -16.05
CA GLY A 127 22.72 -16.48 -17.21
C GLY A 127 22.68 -15.00 -16.91
N THR A 128 22.36 -14.61 -15.67
CA THR A 128 22.29 -13.17 -15.26
C THR A 128 22.97 -12.95 -13.91
N ALA A 129 23.43 -11.72 -13.68
CA ALA A 129 24.10 -11.38 -12.41
C ALA A 129 23.47 -10.10 -11.85
N SER A 130 22.89 -10.18 -10.65
CA SER A 130 22.28 -8.98 -10.02
C SER A 130 23.18 -8.50 -8.87
N VAL A 131 23.79 -7.33 -9.04
CA VAL A 131 24.56 -6.76 -7.93
C VAL A 131 23.66 -5.75 -7.23
N VAL A 132 23.61 -5.88 -5.91
CA VAL A 132 22.83 -5.06 -4.98
C VAL A 132 23.76 -4.39 -3.96
N CYS A 133 23.40 -3.11 -3.84
CA CYS A 133 23.97 -2.07 -3.03
C CYS A 133 22.77 -1.53 -2.25
N LEU A 134 22.97 -1.29 -0.97
CA LEU A 134 21.90 -0.91 -0.06
C LEU A 134 22.28 0.23 0.83
N LEU A 135 21.41 1.24 0.87
CA LEU A 135 21.56 2.37 1.75
C LEU A 135 20.51 2.14 2.78
N ASN A 136 20.92 2.14 4.03
CA ASN A 136 20.02 1.79 5.12
C ASN A 136 19.88 2.94 6.09
N ASN A 137 18.62 3.28 6.39
CA ASN A 137 18.20 4.15 7.49
C ASN A 137 18.68 5.60 7.47
N PHE A 138 18.54 6.22 6.29
CA PHE A 138 18.95 7.59 6.06
C PHE A 138 17.82 8.61 5.90
N TYR A 139 18.21 9.89 5.91
CA TYR A 139 17.30 11.01 5.68
C TYR A 139 18.11 12.24 5.22
N PRO A 140 17.61 12.97 4.21
CA PRO A 140 16.31 12.78 3.56
C PRO A 140 16.31 11.76 2.42
N ARG A 141 15.16 11.68 1.74
CA ARG A 141 14.93 10.63 0.75
C ARG A 141 15.88 10.73 -0.46
N GLU A 142 16.32 11.95 -0.82
CA GLU A 142 17.12 12.14 -2.02
C GLU A 142 18.52 11.56 -1.85
N ALA A 143 18.93 10.69 -2.78
CA ALA A 143 20.24 10.08 -2.73
C ALA A 143 20.70 9.67 -4.12
N LYS A 144 21.93 10.02 -4.48
CA LYS A 144 22.50 9.59 -5.75
C LYS A 144 23.24 8.27 -5.57
N VAL A 145 22.88 7.27 -6.34
CA VAL A 145 23.61 6.01 -6.35
C VAL A 145 24.10 5.77 -7.78
N GLN A 146 25.40 5.84 -7.98
CA GLN A 146 26.06 5.56 -9.25
C GLN A 146 26.82 4.24 -9.15
N TRP A 147 26.72 3.42 -10.20
CA TRP A 147 27.50 2.19 -10.29
C TRP A 147 28.77 2.38 -11.10
N LYS A 148 29.74 1.53 -10.76
CA LYS A 148 31.05 1.55 -11.46
C LYS A 148 31.62 0.16 -11.47
N VAL A 149 31.94 -0.33 -12.65
CA VAL A 149 32.56 -1.67 -12.86
C VAL A 149 33.91 -1.43 -13.51
N ASP A 150 35.00 -1.87 -12.87
CA ASP A 150 36.37 -1.61 -13.40
C ASP A 150 36.49 -0.11 -13.61
N ASN A 151 35.97 0.68 -12.65
CA ASN A 151 35.99 2.16 -12.74
C ASN A 151 35.26 2.59 -14.02
N ALA A 152 34.48 1.68 -14.59
CA ALA A 152 33.64 2.12 -15.70
C ALA A 152 32.28 2.45 -15.09
N LEU A 153 31.80 3.65 -15.39
CA LEU A 153 30.46 3.99 -14.90
C LEU A 153 29.39 3.39 -15.84
N GLN A 154 28.17 3.15 -15.30
CA GLN A 154 27.12 2.52 -16.10
C GLN A 154 25.89 3.41 -16.26
N SER A 155 24.97 2.95 -17.12
CA SER A 155 23.72 3.71 -17.38
C SER A 155 22.61 2.81 -17.90
N GLY A 156 21.41 3.00 -17.37
CA GLY A 156 20.28 2.25 -17.94
C GLY A 156 20.18 0.80 -17.53
N ASN A 157 21.11 0.35 -16.71
CA ASN A 157 21.06 -1.04 -16.29
C ASN A 157 20.93 -1.06 -14.77
N SER A 158 20.23 -0.10 -14.15
CA SER A 158 20.07 -0.17 -12.72
C SER A 158 18.70 0.29 -12.33
N GLN A 159 18.23 -0.16 -11.19
CA GLN A 159 16.92 0.21 -10.73
C GLN A 159 16.91 0.40 -9.26
N GLU A 160 16.08 1.29 -8.77
CA GLU A 160 16.04 1.51 -7.33
C GLU A 160 14.62 1.30 -6.83
N SER A 161 14.52 1.00 -5.53
CA SER A 161 13.28 1.20 -4.81
C SER A 161 13.47 1.62 -3.38
N VAL A 162 12.67 2.59 -2.98
CA VAL A 162 12.74 3.18 -1.64
C VAL A 162 11.59 2.74 -0.75
N THR A 163 11.90 2.51 0.52
CA THR A 163 10.84 2.08 1.42
C THR A 163 9.95 3.26 1.82
N GLU A 164 8.79 2.92 2.36
CA GLU A 164 7.97 3.93 3.00
C GLU A 164 8.74 4.54 4.14
N GLN A 165 8.52 5.83 4.37
CA GLN A 165 9.12 6.47 5.54
C GLN A 165 8.81 5.65 6.77
N ASP A 166 9.86 5.23 7.47
CA ASP A 166 9.72 4.41 8.66
C ASP A 166 8.86 5.14 9.67
N SER A 167 7.82 4.46 10.17
CA SER A 167 6.92 5.14 11.09
C SER A 167 7.53 5.35 12.47
N LYS A 168 8.69 4.75 12.77
CA LYS A 168 9.31 4.90 14.09
C LYS A 168 10.40 5.96 14.11
N ASP A 169 11.42 5.82 13.27
CA ASP A 169 12.54 6.75 13.27
C ASP A 169 12.56 7.66 12.04
N SER A 170 11.55 7.57 11.18
CA SER A 170 11.29 8.57 10.15
C SER A 170 12.34 8.58 9.05
N THR A 171 12.99 7.43 8.84
CA THR A 171 14.05 7.30 7.86
C THR A 171 13.57 6.53 6.64
N TYR A 172 14.49 6.35 5.71
CA TYR A 172 14.25 5.72 4.43
C TYR A 172 15.33 4.68 4.22
N SER A 173 15.02 3.70 3.35
CA SER A 173 16.05 2.80 2.87
C SER A 173 15.89 2.61 1.37
N LEU A 174 16.99 2.32 0.71
CA LEU A 174 17.03 2.18 -0.71
C LEU A 174 17.92 1.07 -1.19
N SER A 175 17.50 0.43 -2.25
CA SER A 175 18.28 -0.62 -2.82
C SER A 175 18.45 -0.37 -4.29
N SER A 176 19.67 -0.49 -4.79
CA SER A 176 19.92 -0.31 -6.18
C SER A 176 20.32 -1.64 -6.69
N THR A 177 19.85 -2.00 -7.85
CA THR A 177 20.13 -3.32 -8.40
C THR A 177 20.72 -3.13 -9.79
N LEU A 178 21.99 -3.49 -9.90
CA LEU A 178 22.64 -3.45 -11.23
C LEU A 178 22.57 -4.86 -11.80
N THR A 179 21.88 -5.05 -12.93
CA THR A 179 21.69 -6.38 -13.51
C THR A 179 22.59 -6.49 -14.75
N LEU A 180 23.48 -7.48 -14.76
CA LEU A 180 24.35 -7.72 -15.93
C LEU A 180 24.11 -9.12 -16.39
N SER A 181 24.79 -9.61 -17.39
CA SER A 181 24.75 -11.03 -17.85
C SER A 181 25.94 -11.81 -17.27
N LYS A 182 25.75 -13.10 -17.02
CA LYS A 182 26.85 -13.94 -16.50
C LYS A 182 28.15 -13.67 -17.30
N ALA A 183 28.06 -13.47 -18.60
CA ALA A 183 29.33 -13.35 -19.34
C ALA A 183 30.14 -12.11 -18.98
N ASP A 184 29.49 -10.93 -19.07
CA ASP A 184 30.17 -9.63 -18.81
C ASP A 184 30.41 -9.46 -17.30
N TYR A 185 29.62 -10.12 -16.45
CA TYR A 185 29.97 -10.06 -15.01
C TYR A 185 31.36 -10.68 -14.86
N GLU A 186 31.79 -11.50 -15.82
CA GLU A 186 33.10 -12.18 -15.61
C GLU A 186 34.21 -11.46 -16.37
N LYS A 187 33.82 -10.60 -17.30
CA LYS A 187 34.84 -9.92 -18.13
C LYS A 187 35.36 -8.71 -17.38
N HIS A 188 34.75 -8.44 -16.22
CA HIS A 188 35.19 -7.32 -15.36
C HIS A 188 35.38 -7.75 -13.92
N LYS A 189 36.19 -7.07 -13.08
CA LYS A 189 36.52 -7.61 -11.70
C LYS A 189 36.17 -6.75 -10.46
N VAL A 190 36.00 -5.46 -10.60
CA VAL A 190 35.67 -4.63 -9.42
C VAL A 190 34.26 -4.10 -9.48
N TYR A 191 33.43 -4.34 -8.49
CA TYR A 191 32.06 -3.78 -8.60
C TYR A 191 31.91 -2.73 -7.51
N ALA A 192 31.60 -1.51 -7.84
CA ALA A 192 31.62 -0.43 -6.84
C ALA A 192 30.30 0.30 -6.89
N CYS A 193 29.91 0.87 -5.76
CA CYS A 193 28.63 1.61 -5.68
C CYS A 193 28.93 2.91 -4.96
N GLU A 194 28.83 4.02 -5.68
CA GLU A 194 29.16 5.31 -5.11
C GLU A 194 27.88 6.03 -4.69
N VAL A 195 27.96 6.52 -3.45
CA VAL A 195 26.91 7.20 -2.72
C VAL A 195 27.39 8.56 -2.27
N THR A 196 26.50 9.48 -2.64
CA THR A 196 26.52 10.91 -2.47
C THR A 196 25.27 11.28 -1.72
N HIS A 197 25.34 12.14 -0.73
CA HIS A 197 24.10 12.42 0.00
C HIS A 197 24.27 13.50 1.01
N GLN A 198 23.18 13.98 1.58
CA GLN A 198 23.32 15.16 2.44
C GLN A 198 23.96 14.83 3.79
N GLY A 199 23.80 13.60 4.27
CA GLY A 199 24.44 13.21 5.52
C GLY A 199 25.92 12.90 5.42
N LEU A 200 26.47 12.80 4.21
CA LEU A 200 27.88 12.52 3.98
C LEU A 200 28.62 13.79 3.58
N SER A 201 29.79 14.01 4.17
CA SER A 201 30.58 15.19 3.82
C SER A 201 31.17 15.06 2.43
N SER A 202 31.53 13.85 2.03
CA SER A 202 31.98 13.53 0.69
C SER A 202 31.30 12.22 0.29
N PRO A 203 31.19 11.93 -1.04
CA PRO A 203 30.62 10.65 -1.46
C PRO A 203 31.36 9.48 -0.87
N VAL A 204 30.69 8.33 -0.75
CA VAL A 204 31.29 7.12 -0.21
C VAL A 204 31.05 5.98 -1.19
N THR A 205 32.01 5.07 -1.26
CA THR A 205 32.07 4.02 -2.27
C THR A 205 32.23 2.67 -1.58
N LYS A 206 31.21 1.83 -1.63
CA LYS A 206 31.33 0.43 -1.24
C LYS A 206 31.63 -0.37 -2.50
N SER A 207 32.67 -1.17 -2.38
CA SER A 207 32.97 -2.06 -3.51
C SER A 207 33.57 -3.35 -3.03
N PHE A 208 33.53 -4.32 -3.91
CA PHE A 208 34.09 -5.65 -3.67
C PHE A 208 34.66 -6.14 -4.99
N ASN A 209 35.70 -6.96 -4.85
CA ASN A 209 36.32 -7.59 -6.01
C ASN A 209 35.78 -9.01 -6.10
N ARG A 210 35.59 -9.47 -7.33
CA ARG A 210 34.96 -10.79 -7.55
C ARG A 210 35.73 -11.95 -6.90
N GLY A 211 35.08 -12.65 -5.96
CA GLY A 211 35.69 -13.83 -5.32
C GLY A 211 36.58 -13.38 -4.19
N GLU A 212 36.56 -12.11 -3.81
CA GLU A 212 37.37 -11.66 -2.64
C GLU A 212 38.87 -11.88 -2.95
N GLN B 1 -14.66 -7.48 18.25
CA GLN B 1 -14.54 -6.28 17.41
C GLN B 1 -14.78 -6.60 15.94
N LEU B 2 -15.37 -5.63 15.22
CA LEU B 2 -15.82 -5.87 13.85
C LEU B 2 -14.63 -5.91 12.90
N GLN B 3 -14.56 -6.96 12.09
CA GLN B 3 -13.46 -7.10 11.12
C GLN B 3 -13.97 -7.61 9.77
N LEU B 4 -13.34 -7.11 8.71
CA LEU B 4 -13.68 -7.48 7.34
C LEU B 4 -12.45 -8.02 6.64
N GLN B 5 -12.62 -9.12 5.90
CA GLN B 5 -11.51 -9.77 5.22
C GLN B 5 -11.90 -10.11 3.79
N GLU B 6 -11.25 -9.45 2.82
CA GLU B 6 -11.46 -9.80 1.41
C GLU B 6 -10.71 -11.08 1.08
N SER B 7 -11.23 -11.79 0.08
CA SER B 7 -10.52 -12.92 -0.51
C SER B 7 -10.99 -13.04 -1.94
N GLY B 8 -10.05 -13.21 -2.86
CA GLY B 8 -10.36 -13.32 -4.26
C GLY B 8 -9.11 -13.39 -5.11
N PRO B 9 -9.28 -13.75 -6.42
CA PRO B 9 -8.13 -14.06 -7.28
C PRO B 9 -7.17 -12.90 -7.49
N GLY B 10 -5.88 -13.14 -7.36
CA GLY B 10 -4.94 -12.05 -7.67
C GLY B 10 -4.94 -11.77 -9.16
N LEU B 11 -5.40 -12.70 -9.99
CA LEU B 11 -5.26 -12.52 -11.46
C LEU B 11 -6.57 -12.86 -12.17
N VAL B 12 -7.03 -11.97 -13.06
CA VAL B 12 -8.29 -12.18 -13.85
C VAL B 12 -8.05 -11.77 -15.31
N LYS B 13 -8.30 -12.72 -16.26
CA LYS B 13 -8.02 -12.42 -17.66
C LYS B 13 -8.99 -11.36 -18.19
N PRO B 14 -8.51 -10.41 -19.01
CA PRO B 14 -9.42 -9.42 -19.57
C PRO B 14 -10.56 -10.08 -20.34
N SER B 15 -11.61 -9.24 -20.43
CA SER B 15 -12.86 -9.60 -21.13
C SER B 15 -13.67 -10.57 -20.29
N GLU B 16 -13.28 -10.71 -19.04
CA GLU B 16 -13.98 -11.69 -18.18
C GLU B 16 -14.50 -11.00 -16.95
N THR B 17 -14.80 -11.82 -15.96
CA THR B 17 -15.46 -11.33 -14.72
C THR B 17 -14.63 -11.58 -13.47
N LEU B 18 -14.61 -10.58 -12.60
CA LEU B 18 -13.82 -10.56 -11.40
C LEU B 18 -14.79 -10.68 -10.27
N SER B 19 -14.49 -11.57 -9.34
CA SER B 19 -15.40 -11.83 -8.21
C SER B 19 -14.59 -11.84 -6.92
N LEU B 20 -15.14 -11.25 -5.86
CA LEU B 20 -14.45 -11.11 -4.59
C LEU B 20 -15.54 -11.44 -3.58
N THR B 21 -15.11 -11.82 -2.38
CA THR B 21 -16.00 -12.08 -1.26
C THR B 21 -15.42 -11.46 -0.01
N CYS B 22 -16.27 -10.80 0.79
CA CYS B 22 -15.88 -10.25 2.09
C CYS B 22 -16.50 -11.13 3.15
N THR B 23 -15.72 -11.50 4.15
CA THR B 23 -16.21 -12.32 5.26
C THR B 23 -16.14 -11.48 6.53
N VAL B 24 -17.29 -11.08 7.02
CA VAL B 24 -17.35 -10.19 8.16
C VAL B 24 -17.47 -11.05 9.41
N SER B 25 -16.74 -10.68 10.43
CA SER B 25 -16.73 -11.45 11.62
C SER B 25 -16.63 -10.55 12.80
N GLY B 26 -17.29 -10.92 13.88
CA GLY B 26 -17.26 -10.11 15.06
C GLY B 26 -18.44 -9.19 15.06
N GLY B 27 -19.45 -9.57 14.32
CA GLY B 27 -20.66 -8.81 14.21
C GLY B 27 -21.43 -9.53 13.16
N SER B 28 -22.75 -9.43 13.20
CA SER B 28 -23.60 -10.09 12.21
C SER B 28 -24.14 -9.10 11.19
N ILE B 29 -24.27 -9.55 9.96
CA ILE B 29 -24.78 -8.71 8.88
C ILE B 29 -26.30 -8.62 8.91
N SER B 30 -26.93 -9.67 9.43
CA SER B 30 -28.39 -9.72 9.51
C SER B 30 -28.84 -10.22 10.89
N SER B 31 -29.73 -9.47 11.54
CA SER B 31 -30.29 -8.22 11.02
C SER B 31 -29.40 -7.03 11.37
N SER B 32 -29.31 -6.10 10.42
CA SER B 32 -28.48 -4.90 10.65
C SER B 32 -28.83 -3.83 9.62
N ASN B 33 -28.91 -2.60 10.07
CA ASN B 33 -29.33 -1.49 9.19
C ASN B 33 -28.13 -0.89 8.45
N TYR B 34 -27.05 -1.65 8.27
CA TYR B 34 -25.83 -1.18 7.59
C TYR B 34 -25.68 -1.78 6.19
N TYR B 35 -25.20 -0.98 5.26
CA TYR B 35 -24.95 -1.43 3.92
C TYR B 35 -23.56 -1.99 3.91
N TRP B 36 -23.25 -2.86 2.96
CA TRP B 36 -21.95 -3.46 2.93
C TRP B 36 -21.36 -3.32 1.57
N GLY B 37 -20.18 -2.74 1.48
CA GLY B 37 -19.70 -2.30 0.19
C GLY B 37 -18.29 -2.55 -0.20
N TRP B 38 -17.97 -2.15 -1.40
CA TRP B 38 -16.66 -2.34 -1.95
C TRP B 38 -16.09 -1.08 -2.49
N ILE B 39 -14.88 -0.75 -2.07
CA ILE B 39 -14.20 0.43 -2.65
C ILE B 39 -12.91 -0.06 -3.29
N ARG B 40 -12.51 0.54 -4.41
CA ARG B 40 -11.27 0.11 -5.10
C ARG B 40 -10.32 1.30 -5.27
N GLN B 41 -9.03 1.01 -5.38
CA GLN B 41 -8.03 2.08 -5.60
C GLN B 41 -7.04 1.59 -6.66
N PRO B 42 -7.10 2.09 -7.91
CA PRO B 42 -6.14 1.70 -8.93
C PRO B 42 -4.76 2.20 -8.51
N PRO B 43 -3.68 1.60 -9.03
CA PRO B 43 -2.37 2.06 -8.68
C PRO B 43 -2.07 3.49 -9.10
N GLY B 44 -1.82 4.34 -8.10
CA GLY B 44 -1.55 5.77 -8.36
C GLY B 44 -2.78 6.51 -8.79
N LYS B 45 -3.96 6.12 -8.31
CA LYS B 45 -5.15 6.94 -8.55
C LYS B 45 -5.94 7.06 -7.26
N GLY B 46 -7.06 7.76 -7.23
CA GLY B 46 -7.77 7.98 -5.97
C GLY B 46 -8.69 6.82 -5.64
N LEU B 47 -9.40 6.95 -4.52
CA LEU B 47 -10.35 5.90 -4.14
C LEU B 47 -11.66 6.07 -4.95
N GLU B 48 -12.24 4.95 -5.39
CA GLU B 48 -13.53 5.02 -6.10
C GLU B 48 -14.45 4.00 -5.43
N TRP B 49 -15.64 4.45 -5.03
CA TRP B 49 -16.63 3.52 -4.42
C TRP B 49 -17.37 2.77 -5.52
N ILE B 50 -17.85 1.59 -5.17
CA ILE B 50 -18.44 0.77 -6.24
C ILE B 50 -19.91 0.49 -6.00
N ALA B 51 -20.20 -0.18 -4.90
CA ALA B 51 -21.60 -0.58 -4.68
C ALA B 51 -21.71 -1.06 -3.26
N SER B 52 -22.91 -0.94 -2.72
CA SER B 52 -23.09 -1.47 -1.36
C SER B 52 -24.41 -2.21 -1.31
N ILE B 53 -24.57 -3.15 -0.36
CA ILE B 53 -25.78 -3.91 -0.26
C ILE B 53 -26.23 -4.00 1.16
N HIS B 54 -27.53 -3.88 1.34
CA HIS B 54 -28.17 -3.89 2.62
C HIS B 54 -28.88 -5.19 2.84
N ASP B 55 -28.92 -5.62 4.09
CA ASP B 55 -29.55 -6.85 4.45
C ASP B 55 -30.88 -7.08 3.77
N SER B 56 -31.60 -6.00 3.57
CA SER B 56 -32.91 -6.02 2.91
C SER B 56 -32.83 -6.27 1.41
N GLY B 57 -31.65 -6.28 0.81
CA GLY B 57 -31.56 -6.45 -0.62
C GLY B 57 -31.58 -5.16 -1.41
N SER B 58 -31.68 -4.02 -0.73
CA SER B 58 -31.42 -2.73 -1.36
C SER B 58 -29.95 -2.60 -1.75
N ILE B 59 -29.72 -2.02 -2.93
CA ILE B 59 -28.32 -1.88 -3.47
C ILE B 59 -28.01 -0.44 -3.85
N TYR B 60 -26.94 0.12 -3.30
CA TYR B 60 -26.55 1.49 -3.54
C TYR B 60 -25.41 1.45 -4.53
N TYR B 61 -25.59 2.13 -5.65
CA TYR B 61 -24.71 1.97 -6.80
C TYR B 61 -23.96 3.24 -7.12
N ASN B 62 -22.69 3.13 -7.46
CA ASN B 62 -22.00 4.27 -8.01
C ASN B 62 -22.37 4.22 -9.45
N PRO B 63 -23.05 5.26 -9.92
CA PRO B 63 -23.65 5.22 -11.26
C PRO B 63 -22.66 4.89 -12.38
N SER B 64 -21.44 5.41 -12.32
CA SER B 64 -20.45 5.16 -13.40
C SER B 64 -20.02 3.68 -13.49
N LEU B 65 -20.41 2.76 -12.58
CA LEU B 65 -20.08 1.35 -12.62
C LEU B 65 -21.30 0.44 -12.58
N ARG B 66 -22.48 1.06 -12.44
CA ARG B 66 -23.71 0.27 -12.21
C ARG B 66 -23.90 -0.88 -13.20
N SER B 67 -23.82 -0.52 -14.48
CA SER B 67 -24.03 -1.47 -15.59
C SER B 67 -23.12 -2.68 -15.47
N ARG B 68 -22.02 -2.59 -14.72
CA ARG B 68 -21.07 -3.73 -14.70
C ARG B 68 -21.03 -4.41 -13.33
N VAL B 69 -21.78 -3.90 -12.34
CA VAL B 69 -21.65 -4.46 -10.97
C VAL B 69 -22.78 -5.43 -10.59
N THR B 70 -22.43 -6.57 -10.03
CA THR B 70 -23.48 -7.42 -9.44
C THR B 70 -22.99 -7.61 -8.03
N ILE B 71 -23.83 -7.31 -7.03
CA ILE B 71 -23.39 -7.39 -5.61
C ILE B 71 -24.45 -8.15 -4.84
N SER B 72 -24.03 -9.06 -3.93
CA SER B 72 -25.00 -9.94 -3.27
C SER B 72 -24.56 -10.17 -1.83
N VAL B 73 -25.49 -10.67 -1.03
CA VAL B 73 -25.22 -10.93 0.39
C VAL B 73 -25.74 -12.31 0.74
N ASP B 74 -24.90 -13.06 1.43
CA ASP B 74 -25.26 -14.41 1.90
C ASP B 74 -25.32 -14.25 3.42
N THR B 75 -26.47 -13.86 3.89
CA THR B 75 -26.61 -13.52 5.32
C THR B 75 -26.17 -14.62 6.30
N SER B 76 -26.27 -15.88 5.87
CA SER B 76 -26.00 -17.06 6.73
C SER B 76 -24.50 -17.29 6.97
N LYS B 77 -23.66 -17.21 5.94
CA LYS B 77 -22.21 -17.35 6.06
C LYS B 77 -21.51 -16.02 6.37
N ASN B 78 -22.29 -14.97 6.63
CA ASN B 78 -21.82 -13.61 6.92
C ASN B 78 -20.85 -13.10 5.84
N GLN B 79 -21.35 -13.08 4.62
CA GLN B 79 -20.52 -12.87 3.45
C GLN B 79 -21.30 -12.05 2.44
N PHE B 80 -20.69 -10.97 1.94
CA PHE B 80 -21.20 -10.30 0.75
C PHE B 80 -20.14 -10.37 -0.33
N SER B 81 -20.58 -10.44 -1.58
CA SER B 81 -19.69 -10.65 -2.71
C SER B 81 -19.88 -9.58 -3.78
N LEU B 82 -18.80 -9.36 -4.53
CA LEU B 82 -18.84 -8.39 -5.65
C LEU B 82 -18.40 -9.10 -6.92
N LYS B 83 -19.19 -8.88 -7.98
CA LYS B 83 -18.85 -9.39 -9.32
C LYS B 83 -18.82 -8.26 -10.30
N LEU B 84 -17.66 -8.07 -10.94
CA LEU B 84 -17.50 -6.93 -11.88
C LEU B 84 -17.26 -7.52 -13.27
N SER B 85 -18.12 -7.24 -14.24
CA SER B 85 -18.05 -7.89 -15.56
C SER B 85 -17.15 -7.19 -16.58
N SER B 86 -16.81 -7.93 -17.66
CA SER B 86 -16.01 -7.39 -18.80
C SER B 86 -14.83 -6.56 -18.30
N VAL B 87 -13.90 -7.15 -17.54
CA VAL B 87 -12.82 -6.28 -16.96
C VAL B 87 -11.75 -5.91 -17.97
N THR B 88 -11.15 -4.76 -17.73
CA THR B 88 -10.07 -4.24 -18.60
C THR B 88 -8.88 -3.92 -17.70
N ALA B 89 -7.75 -3.40 -18.21
CA ALA B 89 -6.67 -3.02 -17.28
C ALA B 89 -7.14 -1.88 -16.39
N ALA B 90 -8.12 -1.06 -16.82
CA ALA B 90 -8.66 0.00 -15.94
C ALA B 90 -9.21 -0.59 -14.64
N ASP B 91 -9.29 -1.91 -14.56
CA ASP B 91 -9.92 -2.48 -13.35
C ASP B 91 -8.85 -3.06 -12.42
N THR B 92 -7.59 -3.00 -12.83
CA THR B 92 -6.52 -3.46 -11.91
C THR B 92 -6.50 -2.55 -10.69
N ALA B 93 -6.59 -3.12 -9.47
CA ALA B 93 -6.69 -2.23 -8.33
C ALA B 93 -6.60 -2.99 -7.03
N VAL B 94 -6.53 -2.25 -5.94
CA VAL B 94 -6.71 -2.86 -4.62
C VAL B 94 -8.20 -2.65 -4.31
N TYR B 95 -8.90 -3.76 -4.09
CA TYR B 95 -10.32 -3.74 -3.76
C TYR B 95 -10.51 -3.92 -2.26
N TYR B 96 -11.10 -2.94 -1.60
CA TYR B 96 -11.44 -3.01 -0.18
C TYR B 96 -12.92 -3.30 0.00
N CYS B 97 -13.23 -4.09 1.01
CA CYS B 97 -14.61 -4.20 1.45
C CYS B 97 -14.77 -3.37 2.71
N ALA B 98 -15.97 -2.83 2.92
CA ALA B 98 -16.17 -1.92 4.04
C ALA B 98 -17.61 -2.00 4.51
N ARG B 99 -17.83 -1.52 5.72
CA ARG B 99 -19.17 -1.29 6.21
C ARG B 99 -19.57 0.14 5.86
N HIS B 100 -20.74 0.28 5.24
CA HIS B 100 -21.20 1.53 4.64
C HIS B 100 -22.37 2.01 5.49
N LEU B 101 -22.16 3.10 6.21
CA LEU B 101 -23.23 3.64 7.01
C LEU B 101 -23.98 4.65 6.20
N VAL B 102 -25.19 4.26 5.83
CA VAL B 102 -26.10 5.16 5.13
C VAL B 102 -27.24 5.55 6.08
N TRP B 103 -27.62 6.81 6.05
CA TRP B 103 -28.67 7.31 6.93
C TRP B 103 -29.11 8.60 6.29
N PHE B 104 -30.39 8.86 6.35
CA PHE B 104 -30.88 10.12 5.77
C PHE B 104 -31.56 10.90 6.88
N GLY B 105 -31.13 10.61 8.08
CA GLY B 105 -31.78 11.40 9.13
C GLY B 105 -31.21 12.78 9.35
N GLU B 106 -31.30 13.26 10.57
CA GLU B 106 -30.97 14.65 10.83
C GLU B 106 -29.54 14.97 10.45
N LEU B 107 -28.60 14.09 10.75
CA LEU B 107 -27.20 14.33 10.30
C LEU B 107 -26.90 13.15 9.38
N ARG B 108 -26.75 13.48 8.15
CA ARG B 108 -26.53 12.37 7.23
C ARG B 108 -25.35 11.51 7.61
N ASN B 109 -25.49 10.24 7.26
CA ASN B 109 -24.41 9.32 7.32
C ASN B 109 -24.32 8.78 5.92
N ASN B 110 -23.14 8.88 5.33
CA ASN B 110 -22.87 8.15 4.11
C ASN B 110 -21.36 7.97 3.99
N TRP B 111 -20.80 7.07 4.76
CA TRP B 111 -19.34 6.98 4.87
C TRP B 111 -19.05 5.49 5.05
N PHE B 112 -17.76 5.16 5.18
CA PHE B 112 -17.34 3.77 5.36
C PHE B 112 -16.50 3.61 6.61
N ASP B 113 -17.04 2.90 7.61
CA ASP B 113 -16.33 2.61 8.88
C ASP B 113 -16.87 1.29 9.40
N PRO B 114 -16.10 0.19 9.60
CA PRO B 114 -14.67 0.08 9.28
C PRO B 114 -14.34 -0.49 7.90
N TRP B 115 -13.04 -0.64 7.62
CA TRP B 115 -12.61 -1.12 6.29
C TRP B 115 -11.80 -2.40 6.43
N GLY B 116 -11.79 -3.21 5.38
CA GLY B 116 -10.88 -4.33 5.28
C GLY B 116 -9.52 -3.85 4.83
N GLN B 117 -8.60 -4.80 4.63
CA GLN B 117 -7.23 -4.40 4.32
C GLN B 117 -6.91 -4.37 2.82
N GLY B 118 -7.89 -4.58 1.97
CA GLY B 118 -7.62 -4.57 0.54
C GLY B 118 -7.13 -5.91 0.03
N THR B 119 -7.39 -6.16 -1.25
CA THR B 119 -6.81 -7.28 -1.98
C THR B 119 -6.46 -6.75 -3.36
N LEU B 120 -5.27 -7.11 -3.84
CA LEU B 120 -4.84 -6.67 -5.16
C LEU B 120 -5.36 -7.66 -6.20
N VAL B 121 -6.05 -7.06 -7.18
CA VAL B 121 -6.53 -7.70 -8.38
C VAL B 121 -5.62 -7.10 -9.48
N THR B 122 -5.40 -7.85 -10.55
CA THR B 122 -4.55 -7.50 -11.66
C THR B 122 -5.25 -7.87 -12.94
N VAL B 123 -5.48 -7.00 -13.88
CA VAL B 123 -6.20 -7.58 -15.04
C VAL B 123 -5.17 -7.84 -16.12
N ALA B 124 -4.72 -9.08 -16.25
CA ALA B 124 -3.61 -9.25 -17.20
C ALA B 124 -3.90 -10.34 -18.23
N SER B 125 -3.47 -10.09 -19.47
CA SER B 125 -3.66 -11.06 -20.57
C SER B 125 -2.68 -12.24 -20.39
N ALA B 126 -1.85 -12.18 -19.34
CA ALA B 126 -0.76 -13.19 -19.18
C ALA B 126 -1.00 -14.34 -18.20
N SER B 127 0.03 -15.12 -17.94
CA SER B 127 -0.08 -16.29 -17.08
C SER B 127 0.85 -16.14 -15.90
N THR B 128 0.45 -16.73 -14.78
CA THR B 128 1.19 -16.54 -13.50
C THR B 128 2.56 -17.20 -13.59
N LYS B 129 3.59 -16.61 -13.04
CA LYS B 129 4.92 -17.16 -12.92
C LYS B 129 5.37 -16.96 -11.48
N GLY B 130 5.86 -18.04 -10.87
CA GLY B 130 6.33 -17.99 -9.51
C GLY B 130 7.74 -17.45 -9.43
N PRO B 131 8.11 -16.90 -8.28
CA PRO B 131 9.43 -16.29 -8.13
C PRO B 131 10.53 -17.32 -7.94
N SER B 132 11.74 -16.88 -8.23
CA SER B 132 12.97 -17.60 -7.99
C SER B 132 13.54 -16.78 -6.85
N VAL B 133 14.03 -17.42 -5.80
CA VAL B 133 14.52 -16.73 -4.62
C VAL B 133 16.00 -17.04 -4.43
N PHE B 134 16.81 -15.97 -4.34
CA PHE B 134 18.27 -15.98 -4.27
C PHE B 134 18.76 -15.28 -3.01
N PRO B 135 19.85 -15.75 -2.41
CA PRO B 135 20.30 -15.12 -1.17
C PRO B 135 21.20 -13.92 -1.38
N LEU B 136 20.98 -12.92 -0.53
CA LEU B 136 21.84 -11.73 -0.49
C LEU B 136 22.77 -11.93 0.70
N ALA B 137 23.85 -12.55 0.45
CA ALA B 137 24.78 -13.12 1.40
C ALA B 137 25.58 -12.05 2.16
N PRO B 138 25.74 -12.26 3.45
CA PRO B 138 26.62 -11.42 4.27
C PRO B 138 28.07 -11.61 3.87
N SER B 139 28.85 -10.56 4.05
CA SER B 139 30.27 -10.52 3.70
C SER B 139 30.87 -9.46 4.59
N SER B 140 32.20 -9.38 4.58
CA SER B 140 32.83 -8.20 5.16
C SER B 140 32.27 -6.93 4.54
N LYS B 141 31.80 -7.02 3.29
CA LYS B 141 31.32 -5.88 2.53
C LYS B 141 29.87 -5.53 2.81
N SER B 142 29.21 -6.25 3.72
CA SER B 142 27.83 -5.95 4.11
C SER B 142 27.73 -5.79 5.61
N THR B 143 28.80 -5.28 6.21
CA THR B 143 28.80 -5.03 7.66
C THR B 143 29.24 -3.61 7.94
N SER B 144 28.68 -3.03 8.99
CA SER B 144 29.01 -1.67 9.42
C SER B 144 28.95 -1.77 10.93
N GLY B 145 30.06 -1.43 11.60
CA GLY B 145 30.09 -1.58 13.05
C GLY B 145 29.86 -3.03 13.46
N GLY B 146 29.00 -3.25 14.44
CA GLY B 146 28.68 -4.62 14.88
C GLY B 146 27.38 -5.08 14.28
N THR B 147 26.99 -4.49 13.18
CA THR B 147 25.72 -4.91 12.59
C THR B 147 26.02 -5.41 11.18
N ALA B 148 25.26 -6.37 10.72
CA ALA B 148 25.45 -6.94 9.41
C ALA B 148 24.13 -6.94 8.65
N ALA B 149 24.22 -6.86 7.32
CA ALA B 149 23.05 -6.85 6.45
C ALA B 149 23.03 -8.12 5.61
N LEU B 150 21.87 -8.77 5.58
CA LEU B 150 21.70 -9.96 4.73
C LEU B 150 20.26 -9.94 4.23
N GLY B 151 19.97 -10.63 3.14
CA GLY B 151 18.62 -10.61 2.61
C GLY B 151 18.50 -11.65 1.53
N CYS B 152 17.34 -11.69 0.88
CA CYS B 152 17.14 -12.57 -0.26
C CYS B 152 16.42 -11.81 -1.35
N LEU B 153 16.58 -12.23 -2.60
CA LEU B 153 16.11 -11.46 -3.71
C LEU B 153 15.02 -12.21 -4.42
N VAL B 154 13.80 -11.71 -4.39
CA VAL B 154 12.70 -12.38 -5.03
C VAL B 154 12.53 -11.86 -6.43
N LYS B 155 12.85 -12.68 -7.41
CA LYS B 155 12.83 -12.30 -8.81
C LYS B 155 11.89 -13.01 -9.76
N ASP B 156 11.66 -12.35 -10.90
CA ASP B 156 10.87 -12.90 -12.04
C ASP B 156 9.51 -13.51 -11.64
N TYR B 157 8.65 -12.81 -10.91
CA TYR B 157 7.32 -13.31 -10.60
C TYR B 157 6.23 -12.45 -11.24
N PHE B 158 5.02 -13.01 -11.34
CA PHE B 158 3.85 -12.26 -11.87
C PHE B 158 2.57 -13.00 -11.48
N PRO B 159 1.50 -12.30 -11.06
CA PRO B 159 1.61 -10.87 -10.79
C PRO B 159 1.89 -10.62 -9.31
N GLU B 160 1.78 -9.36 -8.90
CA GLU B 160 1.89 -9.09 -7.49
C GLU B 160 0.71 -9.70 -6.72
N PRO B 161 0.88 -9.90 -5.41
CA PRO B 161 2.12 -9.62 -4.66
C PRO B 161 2.78 -10.86 -4.10
N VAL B 162 3.99 -10.69 -3.58
CA VAL B 162 4.64 -11.68 -2.73
C VAL B 162 4.68 -11.12 -1.32
N THR B 163 4.54 -12.00 -0.34
CA THR B 163 4.85 -11.66 1.04
C THR B 163 6.17 -12.30 1.43
N VAL B 164 6.95 -11.57 2.20
CA VAL B 164 8.23 -12.04 2.70
C VAL B 164 8.23 -11.90 4.21
N SER B 165 8.54 -12.98 4.90
CA SER B 165 8.82 -12.95 6.33
C SER B 165 10.19 -13.56 6.56
N TRP B 166 10.71 -13.40 7.78
CA TRP B 166 12.03 -13.91 8.16
C TRP B 166 11.92 -14.83 9.37
N ASN B 167 12.46 -16.04 9.23
CA ASN B 167 12.40 -17.03 10.32
C ASN B 167 10.96 -17.32 10.75
N SER B 168 10.11 -17.52 9.77
CA SER B 168 8.72 -17.88 10.01
C SER B 168 8.04 -16.86 10.91
N GLY B 169 8.40 -15.60 10.75
CA GLY B 169 7.72 -14.52 11.48
C GLY B 169 8.44 -14.18 12.78
N ALA B 170 9.46 -14.96 13.14
CA ALA B 170 10.16 -14.74 14.44
C ALA B 170 10.95 -13.43 14.38
N LEU B 171 11.58 -13.12 13.24
CA LEU B 171 12.40 -11.93 13.06
C LEU B 171 11.64 -10.87 12.25
N THR B 172 11.32 -9.75 12.90
CA THR B 172 10.60 -8.67 12.24
C THR B 172 11.14 -7.29 12.57
N SER B 173 12.21 -7.30 13.35
CA SER B 173 12.89 -6.05 13.68
C SER B 173 14.04 -5.92 12.69
N GLY B 174 14.25 -4.70 12.17
CA GLY B 174 15.34 -4.49 11.23
C GLY B 174 15.08 -4.93 9.83
N VAL B 175 13.90 -5.47 9.60
CA VAL B 175 13.50 -5.96 8.29
C VAL B 175 13.03 -4.80 7.43
N HIS B 176 13.45 -4.80 6.18
CA HIS B 176 13.02 -3.87 5.15
C HIS B 176 12.67 -4.68 3.91
N THR B 177 11.39 -4.73 3.55
CA THR B 177 10.98 -5.34 2.30
C THR B 177 10.64 -4.23 1.31
N PHE B 178 11.33 -4.23 0.16
CA PHE B 178 11.21 -3.10 -0.75
C PHE B 178 10.02 -3.29 -1.68
N PRO B 179 9.50 -2.19 -2.19
CA PRO B 179 8.49 -2.28 -3.24
C PRO B 179 9.05 -2.95 -4.47
N ALA B 180 8.24 -3.81 -5.05
CA ALA B 180 8.70 -4.51 -6.26
C ALA B 180 8.97 -3.47 -7.35
N VAL B 181 9.93 -3.79 -8.22
CA VAL B 181 10.11 -2.94 -9.41
C VAL B 181 9.70 -3.78 -10.62
N LEU B 182 9.21 -3.10 -11.66
CA LEU B 182 8.89 -3.80 -12.92
C LEU B 182 10.15 -3.99 -13.76
N GLN B 183 10.47 -5.20 -14.15
CA GLN B 183 11.65 -5.37 -15.01
C GLN B 183 11.27 -5.27 -16.49
N SER B 184 12.29 -5.18 -17.33
CA SER B 184 12.08 -5.05 -18.79
C SER B 184 11.39 -6.31 -19.29
N SER B 185 11.62 -7.45 -18.62
CA SER B 185 11.03 -8.74 -19.05
C SER B 185 9.52 -8.71 -18.94
N GLY B 186 8.94 -7.77 -18.14
CA GLY B 186 7.49 -7.67 -17.89
C GLY B 186 7.13 -8.27 -16.54
N LEU B 187 8.12 -8.73 -15.79
CA LEU B 187 7.81 -9.39 -14.50
C LEU B 187 8.32 -8.55 -13.35
N TYR B 188 7.93 -8.94 -12.13
CA TYR B 188 8.33 -8.13 -10.97
C TYR B 188 9.54 -8.74 -10.30
N SER B 189 10.20 -7.93 -9.51
CA SER B 189 11.35 -8.36 -8.80
C SER B 189 11.42 -7.53 -7.55
N LEU B 190 11.74 -8.15 -6.44
CA LEU B 190 11.79 -7.51 -5.15
C LEU B 190 13.00 -7.96 -4.38
N SER B 191 13.19 -7.44 -3.17
CA SER B 191 14.34 -7.81 -2.36
C SER B 191 14.01 -7.45 -0.92
N SER B 192 14.21 -8.40 0.00
CA SER B 192 13.95 -8.17 1.45
C SER B 192 15.29 -8.27 2.18
N VAL B 193 15.66 -7.27 2.98
CA VAL B 193 16.94 -7.23 3.67
C VAL B 193 16.65 -7.03 5.15
N VAL B 194 17.50 -7.60 5.98
CA VAL B 194 17.40 -7.40 7.43
C VAL B 194 18.79 -7.08 7.94
N THR B 195 18.84 -6.26 8.99
CA THR B 195 20.08 -5.96 9.67
C THR B 195 20.06 -6.71 11.00
N VAL B 196 21.14 -7.44 11.27
CA VAL B 196 21.19 -8.31 12.49
C VAL B 196 22.54 -8.10 13.18
N PRO B 197 22.70 -8.36 14.49
CA PRO B 197 24.03 -8.26 15.11
C PRO B 197 25.05 -9.16 14.40
N SER B 198 26.15 -8.63 13.89
CA SER B 198 27.08 -9.49 13.12
C SER B 198 27.69 -10.53 14.05
N SER B 199 27.78 -10.28 15.36
CA SER B 199 28.28 -11.32 16.30
C SER B 199 27.48 -12.60 16.15
N SER B 200 26.23 -12.54 15.65
CA SER B 200 25.42 -13.77 15.61
C SER B 200 25.44 -14.41 14.22
N LEU B 201 26.28 -13.90 13.32
CA LEU B 201 26.19 -14.39 11.94
C LEU B 201 26.33 -15.90 11.86
N GLY B 202 27.40 -16.52 12.37
CA GLY B 202 27.55 -17.99 12.18
C GLY B 202 26.73 -18.86 13.12
N THR B 203 26.00 -18.20 14.02
CA THR B 203 25.30 -18.97 15.06
C THR B 203 23.78 -18.86 14.87
N GLN B 204 23.23 -17.71 14.53
CA GLN B 204 21.77 -17.68 14.30
C GLN B 204 21.49 -18.03 12.85
N THR B 205 20.48 -18.85 12.63
CA THR B 205 20.08 -19.21 11.25
C THR B 205 19.08 -18.18 10.75
N TYR B 206 19.31 -17.64 9.56
CA TYR B 206 18.43 -16.64 8.95
C TYR B 206 17.81 -17.24 7.70
N ILE B 207 16.51 -17.47 7.74
CA ILE B 207 15.75 -18.01 6.61
C ILE B 207 14.71 -16.98 6.23
N CYS B 208 14.56 -16.75 4.93
CA CYS B 208 13.50 -15.87 4.43
C CYS B 208 12.40 -16.68 3.75
N ASN B 209 11.17 -16.41 4.16
CA ASN B 209 10.01 -17.18 3.75
C ASN B 209 9.25 -16.35 2.72
N VAL B 210 9.29 -16.80 1.47
CA VAL B 210 8.60 -16.11 0.38
C VAL B 210 7.32 -16.86 0.06
N ASN B 211 6.23 -16.09 -0.07
CA ASN B 211 4.91 -16.68 -0.43
C ASN B 211 4.31 -15.91 -1.61
N HIS B 212 4.30 -16.53 -2.79
CA HIS B 212 3.62 -15.92 -3.96
C HIS B 212 2.28 -16.63 -4.11
N LYS B 213 1.25 -16.06 -3.52
CA LYS B 213 -0.06 -16.75 -3.53
C LYS B 213 -0.58 -17.06 -4.92
N PRO B 214 -0.63 -16.12 -5.92
CA PRO B 214 -1.27 -16.36 -7.25
C PRO B 214 -0.72 -17.57 -8.03
N SER B 215 0.34 -18.19 -7.50
CA SER B 215 0.83 -19.45 -8.12
C SER B 215 1.15 -20.56 -7.09
N ASN B 216 0.64 -20.45 -5.86
CA ASN B 216 0.85 -21.49 -4.84
C ASN B 216 2.33 -21.81 -4.70
N THR B 217 3.16 -20.80 -4.91
CA THR B 217 4.62 -20.97 -4.72
C THR B 217 5.02 -20.54 -3.31
N LYS B 218 5.69 -21.43 -2.59
CA LYS B 218 6.23 -21.01 -1.29
C LYS B 218 7.68 -21.46 -1.32
N VAL B 219 8.55 -20.58 -0.86
CA VAL B 219 10.00 -20.87 -0.93
C VAL B 219 10.63 -20.44 0.40
N ASP B 220 11.54 -21.28 0.88
CA ASP B 220 12.31 -20.96 2.09
C ASP B 220 13.76 -21.06 1.67
N LYS B 221 14.51 -19.97 1.86
CA LYS B 221 15.92 -19.92 1.41
C LYS B 221 16.83 -19.52 2.57
N LYS B 222 17.66 -20.46 2.98
CA LYS B 222 18.62 -20.21 4.09
C LYS B 222 19.69 -19.26 3.56
N VAL B 223 20.06 -18.24 4.35
CA VAL B 223 20.99 -17.23 3.89
C VAL B 223 22.26 -17.34 4.72
N GLU B 224 23.32 -17.85 4.12
CA GLU B 224 24.63 -18.04 4.73
C GLU B 224 25.61 -17.12 4.04
N PRO B 225 26.75 -16.80 4.67
CA PRO B 225 27.77 -15.99 3.99
C PRO B 225 28.34 -16.71 2.77
N LYS B 226 28.55 -15.98 1.69
CA LYS B 226 29.06 -16.56 0.46
C LYS B 226 30.46 -17.08 0.62
N SER B 227 30.71 -18.28 0.11
CA SER B 227 32.06 -18.93 0.19
C SER B 227 32.97 -17.73 -0.08
N CYS B 228 33.85 -17.49 0.86
CA CYS B 228 34.82 -16.45 0.75
C CYS B 228 36.12 -17.15 0.48
N ASP B 229 36.62 -17.05 -0.73
CA ASP B 229 37.90 -17.67 -1.07
C ASP B 229 38.84 -16.68 -1.72
N ASN C 6 -25.05 18.39 -9.14
CA ASN C 6 -25.38 17.04 -8.61
C ASN C 6 -25.23 17.07 -7.09
N ASN C 7 -26.34 17.02 -6.33
CA ASN C 7 -26.35 17.10 -4.84
C ASN C 7 -27.82 16.81 -4.33
N ASP C 8 -28.13 16.94 -3.05
CA ASP C 8 -29.51 16.71 -2.53
C ASP C 8 -30.18 15.34 -2.69
N PHE C 9 -29.44 14.28 -2.33
CA PHE C 9 -29.84 12.88 -2.47
C PHE C 9 -30.22 11.68 -3.31
N HIS C 10 -29.45 11.53 -4.39
CA HIS C 10 -29.96 10.91 -5.55
C HIS C 10 -30.45 9.61 -5.04
N PHE C 11 -31.71 9.34 -5.33
CA PHE C 11 -32.24 8.03 -5.03
C PHE C 11 -32.33 7.18 -6.29
N GLU C 12 -31.99 7.75 -7.44
CA GLU C 12 -32.01 6.98 -8.67
C GLU C 12 -30.88 5.98 -8.69
N VAL C 13 -29.77 6.36 -8.07
CA VAL C 13 -28.61 5.52 -7.96
C VAL C 13 -28.97 4.27 -7.18
N PHE C 14 -29.84 4.41 -6.19
CA PHE C 14 -30.29 3.20 -5.47
C PHE C 14 -31.26 2.44 -6.36
N ASN C 15 -31.33 1.12 -6.24
CA ASN C 15 -32.32 0.38 -7.00
C ASN C 15 -33.71 0.66 -6.45
N PHE C 16 -33.85 0.58 -5.12
CA PHE C 16 -34.92 1.18 -4.35
C PHE C 16 -34.33 1.66 -3.05
N VAL C 17 -35.07 2.47 -2.31
CA VAL C 17 -34.62 2.96 -1.02
C VAL C 17 -35.47 2.31 0.07
N PRO C 18 -34.82 1.63 1.01
CA PRO C 18 -35.52 0.95 2.10
C PRO C 18 -36.02 1.95 3.15
N CYS C 19 -37.31 1.93 3.49
CA CYS C 19 -37.83 2.98 4.43
C CYS C 19 -37.05 3.00 5.75
N SER C 20 -36.27 1.94 6.03
CA SER C 20 -35.56 1.80 7.34
C SER C 20 -34.48 2.87 7.56
N ILE C 21 -33.98 3.52 6.52
CA ILE C 21 -32.83 4.45 6.74
C ILE C 21 -33.32 5.88 6.48
N CYS C 22 -34.63 6.14 6.49
CA CYS C 22 -35.17 7.48 6.12
C CYS C 22 -35.48 8.37 7.33
N GLN C 23 -35.57 7.80 8.52
CA GLN C 23 -35.79 8.65 9.70
C GLN C 23 -37.11 9.35 9.62
N ASN C 24 -36.98 10.64 9.72
CA ASN C 24 -38.20 11.41 9.61
C ASN C 24 -38.15 12.18 8.30
N ASN C 25 -37.06 12.01 7.54
CA ASN C 25 -36.92 12.82 6.27
C ASN C 25 -38.17 12.72 5.38
N PRO C 26 -38.88 13.82 4.99
CA PRO C 26 -40.15 13.72 4.25
C PRO C 26 -39.94 13.22 2.81
N THR C 27 -38.94 13.77 2.12
CA THR C 27 -38.68 13.38 0.71
C THR C 27 -38.24 11.92 0.68
N CYS C 28 -37.49 11.45 1.69
CA CYS C 28 -37.14 10.02 1.65
C CYS C 28 -38.40 9.17 1.80
N TRP C 29 -39.36 9.62 2.61
CA TRP C 29 -40.58 8.80 2.85
C TRP C 29 -41.51 8.85 1.63
N ALA C 30 -41.16 9.62 0.61
CA ALA C 30 -42.00 9.64 -0.62
C ALA C 30 -41.56 8.50 -1.53
N ILE C 31 -40.31 8.03 -1.49
CA ILE C 31 -39.87 6.99 -2.49
C ILE C 31 -39.57 5.67 -1.78
N CYS C 32 -39.45 5.75 -0.45
CA CYS C 32 -39.04 4.57 0.35
C CYS C 32 -40.05 3.43 0.24
N LYS C 33 -39.61 2.23 0.60
CA LYS C 33 -40.47 1.04 0.48
C LYS C 33 -40.34 0.18 1.76
N ARG C 34 -41.42 0.04 2.51
CA ARG C 34 -41.39 -0.72 3.78
C ARG C 34 -41.14 -2.20 3.49
N ILE C 35 -40.31 -2.84 4.30
CA ILE C 35 -39.98 -4.28 4.09
C ILE C 35 -40.52 -5.08 5.28
#